data_7HOR
#
_entry.id   7HOR
#
_cell.length_a   42.470
_cell.length_b   42.470
_cell.length_c   217.030
_cell.angle_alpha   90.00
_cell.angle_beta   90.00
_cell.angle_gamma   90.00
#
_symmetry.space_group_name_H-M   'P 43 2 2'
#
loop_
_entity.id
_entity.type
_entity.pdbx_description
1 polymer 'Serine protease subunit NS2B'
2 polymer 'Serine protease NS3'
3 non-polymer 'DIMETHYL SULFOXIDE'
4 non-polymer (2P)-2-(2-methoxypyridin-4-yl)-N-(1-methyl-1H-pyrazol-4-yl)benzamide
5 water water
#
loop_
_entity_poly.entity_id
_entity_poly.type
_entity_poly.pdbx_seq_one_letter_code
_entity_poly.pdbx_strand_id
1 'polypeptide(L)' SMGKSVDMYIERAGDITWEKDAEVTGNSPRLDVALDESGDFSLVEE A
2 'polypeptide(L)'
;MKEVKKGETTDGVYRVMTRRLLGSTQVGVGVMQEGVFHTMWHVTKGAALRSGEGRLDPYWGDVKQDLVSYCGPWKLDAAW
DGLSEVQLLAVPPGERAKNIQTLPGIFKTKDGDIGAVALDYPAGTSGSPILDKCGRVIGLYGNGVVIKNGSYVSAITQGK
REEETPVE
;
B
#
loop_
_chem_comp.id
_chem_comp.type
_chem_comp.name
_chem_comp.formula
A1BG0 non-polymer (2P)-2-(2-methoxypyridin-4-yl)-N-(1-methyl-1H-pyrazol-4-yl)benzamide 'C17 H16 N4 O2'
DMS non-polymer 'DIMETHYL SULFOXIDE' 'C2 H6 O S'
#
# COMPACT_ATOMS: atom_id res chain seq x y z
N ASP A 7 16.70 0.43 -13.39
N ASP A 7 16.70 0.43 -13.39
N ASP A 7 17.11 0.30 -13.43
N ASP A 7 17.11 0.30 -13.43
CA ASP A 7 17.40 0.08 -12.11
CA ASP A 7 17.40 0.08 -12.11
CA ASP A 7 17.49 0.00 -12.02
CA ASP A 7 17.49 0.00 -12.02
C ASP A 7 16.88 0.97 -10.99
C ASP A 7 16.88 0.97 -10.99
C ASP A 7 16.78 0.98 -11.09
C ASP A 7 16.78 0.98 -11.09
N MET A 8 15.91 0.46 -10.23
CA MET A 8 15.02 1.27 -9.37
C MET A 8 15.74 1.60 -8.08
N TYR A 9 15.46 2.79 -7.55
N TYR A 9 15.46 2.79 -7.55
N TYR A 9 15.45 2.78 -7.53
N TYR A 9 15.45 2.78 -7.53
CA TYR A 9 16.06 3.31 -6.29
CA TYR A 9 16.06 3.31 -6.29
CA TYR A 9 16.07 3.29 -6.29
CA TYR A 9 16.07 3.29 -6.29
C TYR A 9 14.96 3.92 -5.42
C TYR A 9 14.96 3.92 -5.42
C TYR A 9 14.99 3.96 -5.43
C TYR A 9 14.99 3.96 -5.43
N ILE A 10 15.21 3.98 -4.11
CA ILE A 10 14.23 4.52 -3.12
C ILE A 10 14.75 5.87 -2.54
N GLU A 11 13.81 6.75 -2.18
CA GLU A 11 14.09 8.09 -1.54
C GLU A 11 13.09 8.32 -0.41
N ARG A 12 13.55 8.70 0.79
CA ARG A 12 12.62 8.86 1.94
C ARG A 12 11.61 9.96 1.65
N ALA A 13 10.33 9.78 1.98
CA ALA A 13 9.27 10.81 1.75
C ALA A 13 8.60 11.24 3.04
N GLY A 14 8.76 10.57 4.16
CA GLY A 14 8.15 11.08 5.39
C GLY A 14 8.15 10.04 6.46
N ASP A 15 7.66 10.43 7.62
CA ASP A 15 7.38 9.57 8.79
C ASP A 15 5.99 9.00 8.59
N ILE A 16 5.69 7.82 9.16
CA ILE A 16 4.34 7.22 9.17
C ILE A 16 3.66 7.58 10.49
N THR A 17 2.76 8.56 10.41
N THR A 17 2.75 8.53 10.44
N THR A 17 2.76 8.56 10.41
N THR A 17 2.75 8.53 10.44
CA THR A 17 2.06 9.20 11.56
CA THR A 17 2.08 9.08 11.65
CA THR A 17 2.06 9.20 11.56
CA THR A 17 2.08 9.08 11.65
C THR A 17 0.60 9.48 11.20
C THR A 17 0.66 9.54 11.27
C THR A 17 0.60 9.48 11.20
C THR A 17 0.66 9.54 11.27
N TRP A 18 -0.31 9.25 12.15
CA TRP A 18 -1.69 9.77 12.07
C TRP A 18 -1.60 11.30 12.26
N GLU A 19 -2.24 12.09 11.38
N GLU A 19 -2.24 12.09 11.38
N GLU A 19 -2.20 12.08 11.33
N GLU A 19 -2.20 12.08 11.33
CA GLU A 19 -2.27 13.56 11.45
CA GLU A 19 -2.27 13.56 11.45
CA GLU A 19 -2.35 13.56 11.39
CA GLU A 19 -2.35 13.56 11.39
C GLU A 19 -3.68 14.03 11.84
C GLU A 19 -3.68 14.03 11.84
C GLU A 19 -3.75 13.89 11.92
C GLU A 19 -3.75 13.89 11.92
N LYS A 20 -3.84 14.58 13.05
CA LYS A 20 -5.16 15.11 13.55
C LYS A 20 -5.64 16.20 12.59
N ASP A 21 -6.92 16.18 12.25
CA ASP A 21 -7.53 17.17 11.30
C ASP A 21 -6.86 17.09 9.92
N ALA A 22 -6.45 15.90 9.46
CA ALA A 22 -6.17 15.67 8.02
C ALA A 22 -7.46 16.00 7.26
N GLU A 23 -7.38 16.32 5.98
CA GLU A 23 -8.57 16.41 5.09
C GLU A 23 -9.37 15.11 5.20
N VAL A 24 -10.70 15.17 5.41
CA VAL A 24 -11.58 13.96 5.51
C VAL A 24 -12.40 13.81 4.23
N THR A 25 -12.33 12.70 3.49
CA THR A 25 -12.98 12.62 2.14
C THR A 25 -13.08 11.18 1.63
N GLY A 26 -13.64 10.98 0.44
CA GLY A 26 -13.94 9.65 -0.13
C GLY A 26 -15.19 9.00 0.44
N ASN A 27 -15.84 8.18 -0.38
CA ASN A 27 -17.05 7.41 -0.02
C ASN A 27 -16.65 5.96 0.40
N SER A 28 -17.62 5.09 0.72
CA SER A 28 -17.44 3.80 1.44
C SER A 28 -18.24 2.72 0.75
N PRO A 29 -17.98 2.43 -0.53
CA PRO A 29 -18.79 1.52 -1.31
C PRO A 29 -18.62 0.04 -0.96
N ARG A 30 -19.71 -0.71 -0.96
CA ARG A 30 -19.70 -2.19 -0.75
C ARG A 30 -19.76 -2.83 -2.14
N LEU A 31 -18.71 -3.51 -2.57
CA LEU A 31 -18.56 -4.00 -3.97
C LEU A 31 -18.33 -5.51 -3.97
N ASP A 32 -19.04 -6.22 -4.85
CA ASP A 32 -18.81 -7.66 -5.16
C ASP A 32 -17.65 -7.81 -6.14
N VAL A 33 -16.55 -8.45 -5.71
CA VAL A 33 -15.35 -8.53 -6.60
C VAL A 33 -14.82 -9.98 -6.61
N ALA A 34 -14.07 -10.28 -7.64
CA ALA A 34 -13.30 -11.55 -7.80
C ALA A 34 -11.84 -11.20 -8.00
N LEU A 35 -10.96 -12.07 -7.51
CA LEU A 35 -9.51 -11.91 -7.56
C LEU A 35 -8.96 -13.09 -8.38
N ASP A 36 -8.30 -12.79 -9.51
CA ASP A 36 -7.75 -13.86 -10.39
C ASP A 36 -6.32 -14.21 -9.95
N GLU A 37 -5.77 -15.27 -10.57
CA GLU A 37 -4.44 -15.83 -10.23
C GLU A 37 -3.35 -14.78 -10.55
N SER A 38 -3.58 -13.85 -11.48
CA SER A 38 -2.64 -12.74 -11.78
C SER A 38 -2.74 -11.61 -10.76
N GLY A 39 -3.60 -11.72 -9.76
CA GLY A 39 -3.72 -10.67 -8.71
C GLY A 39 -4.48 -9.44 -9.20
N ASP A 40 -5.28 -9.55 -10.26
CA ASP A 40 -6.25 -8.53 -10.76
C ASP A 40 -7.63 -8.75 -10.14
N PHE A 41 -8.16 -7.70 -9.50
CA PHE A 41 -9.55 -7.63 -9.00
C PHE A 41 -10.46 -7.28 -10.15
N SER A 42 -11.67 -7.85 -10.19
CA SER A 42 -12.69 -7.49 -11.21
C SER A 42 -14.05 -7.41 -10.52
N LEU A 43 -14.94 -6.58 -11.06
CA LEU A 43 -16.31 -6.41 -10.55
C LEU A 43 -17.14 -7.59 -11.04
N VAL A 44 -17.79 -8.27 -10.12
CA VAL A 44 -18.79 -9.33 -10.40
C VAL A 44 -20.15 -8.65 -10.56
N GLU A 45 -21.11 -9.32 -11.20
CA GLU A 45 -22.56 -8.97 -11.10
C GLU A 45 -23.43 -10.19 -11.44
N GLY B 7 22.44 1.81 2.43
N GLY B 7 22.44 1.80 2.42
N GLY B 7 23.29 2.20 3.66
N GLY B 7 23.29 2.20 3.66
CA GLY B 7 21.35 2.81 2.15
CA GLY B 7 21.36 2.82 2.14
CA GLY B 7 22.42 3.32 3.17
CA GLY B 7 22.42 3.32 3.17
C GLY B 7 20.55 3.14 3.39
C GLY B 7 20.55 3.14 3.39
C GLY B 7 21.35 3.73 4.19
C GLY B 7 21.35 3.73 4.19
N GLU B 8 19.79 4.26 3.38
N GLU B 8 19.79 4.26 3.38
N GLU B 8 20.24 4.29 3.71
N GLU B 8 20.24 4.29 3.71
CA GLU B 8 19.00 4.71 4.56
CA GLU B 8 19.00 4.71 4.56
CA GLU B 8 19.05 4.68 4.53
CA GLU B 8 19.06 4.69 4.52
C GLU B 8 18.01 3.60 4.93
C GLU B 8 18.02 3.60 4.94
C GLU B 8 18.25 3.43 4.89
C GLU B 8 18.25 3.43 4.89
N THR B 9 18.05 3.17 6.19
N THR B 9 18.09 3.17 6.19
N THR B 9 18.06 3.17 6.18
N THR B 9 18.09 3.17 6.19
CA THR B 9 17.23 2.06 6.72
CA THR B 9 17.29 2.06 6.77
CA THR B 9 17.22 2.06 6.71
CA THR B 9 17.29 2.07 6.77
C THR B 9 16.25 2.61 7.76
C THR B 9 16.22 2.62 7.69
C THR B 9 16.25 2.61 7.75
C THR B 9 16.21 2.63 7.67
N THR B 10 16.29 3.92 8.02
N THR B 10 16.30 3.91 8.02
N THR B 10 16.20 3.95 7.91
N THR B 10 16.21 3.95 7.91
CA THR B 10 15.31 4.60 8.89
CA THR B 10 15.31 4.60 8.89
CA THR B 10 15.31 4.64 8.88
CA THR B 10 15.31 4.63 8.88
C THR B 10 13.92 4.17 8.43
C THR B 10 13.91 4.17 8.42
C THR B 10 13.86 4.18 8.62
C THR B 10 13.86 4.18 8.62
N ASP B 11 13.03 3.86 9.38
N ASP B 11 13.03 3.86 9.38
N ASP B 11 13.19 3.71 9.68
N ASP B 11 13.19 3.71 9.68
CA ASP B 11 11.57 3.67 9.14
CA ASP B 11 11.57 3.67 9.14
CA ASP B 11 11.73 3.44 9.64
CA ASP B 11 11.73 3.44 9.64
C ASP B 11 11.04 4.87 8.33
C ASP B 11 11.04 4.87 8.33
C ASP B 11 11.02 4.68 9.09
C ASP B 11 11.02 4.68 9.09
N GLY B 12 9.98 4.65 7.54
N GLY B 12 9.98 4.65 7.54
N GLY B 12 10.04 4.49 8.20
N GLY B 12 10.04 4.49 8.20
CA GLY B 12 9.23 5.72 6.86
CA GLY B 12 9.22 5.73 6.86
CA GLY B 12 9.32 5.58 7.53
CA GLY B 12 9.32 5.58 7.53
C GLY B 12 8.59 5.27 5.56
C GLY B 12 8.59 5.27 5.56
C GLY B 12 8.79 5.16 6.17
C GLY B 12 8.79 5.16 6.17
N VAL B 13 7.82 6.17 4.94
N VAL B 13 7.82 6.17 4.94
N VAL B 13 8.47 6.13 5.32
N VAL B 13 8.47 6.13 5.32
CA VAL B 13 7.33 6.00 3.54
CA VAL B 13 7.33 6.00 3.54
CA VAL B 13 7.83 5.91 3.99
CA VAL B 13 7.83 5.91 3.99
C VAL B 13 8.44 6.45 2.59
C VAL B 13 8.44 6.45 2.59
C VAL B 13 8.72 6.51 2.88
C VAL B 13 8.72 6.51 2.88
N TYR B 14 8.60 5.72 1.48
N TYR B 14 8.60 5.72 1.48
N TYR B 14 8.77 5.84 1.71
N TYR B 14 8.77 5.84 1.71
CA TYR B 14 9.69 5.92 0.51
CA TYR B 14 9.69 5.92 0.51
CA TYR B 14 9.71 6.12 0.60
CA TYR B 14 9.71 6.12 0.60
C TYR B 14 9.13 5.86 -0.92
C TYR B 14 9.13 5.86 -0.92
C TYR B 14 9.01 6.03 -0.78
C TYR B 14 9.01 6.03 -0.78
N ARG B 15 9.60 6.80 -1.74
CA ARG B 15 9.25 6.74 -3.18
C ARG B 15 10.10 5.66 -3.84
N VAL B 16 9.51 4.97 -4.81
CA VAL B 16 10.22 4.04 -5.73
C VAL B 16 10.35 4.69 -7.11
N MET B 17 11.59 4.97 -7.49
CA MET B 17 11.94 5.72 -8.71
C MET B 17 12.67 4.82 -9.71
N THR B 18 12.55 5.14 -10.98
CA THR B 18 13.38 4.54 -12.05
C THR B 18 13.97 5.67 -12.91
N ARG B 19 15.20 5.45 -13.41
CA ARG B 19 15.84 6.27 -14.47
C ARG B 19 15.71 5.62 -15.85
N ARG B 20 15.01 4.49 -15.97
CA ARG B 20 15.05 3.70 -17.24
C ARG B 20 14.17 4.39 -18.27
N LEU B 21 13.29 5.29 -17.83
CA LEU B 21 12.41 6.06 -18.76
C LEU B 21 12.90 7.51 -18.90
N LEU B 22 12.04 8.39 -19.42
CA LEU B 22 12.36 9.83 -19.54
C LEU B 22 12.56 10.41 -18.14
N GLY B 23 13.63 11.18 -17.91
CA GLY B 23 13.96 11.74 -16.58
C GLY B 23 13.96 10.68 -15.46
N SER B 24 13.54 11.11 -14.27
CA SER B 24 13.34 10.29 -13.06
C SER B 24 11.85 10.15 -12.83
N THR B 25 11.34 8.93 -12.97
CA THR B 25 9.89 8.59 -12.93
C THR B 25 9.56 7.82 -11.66
N GLN B 26 8.54 8.26 -10.91
CA GLN B 26 8.12 7.54 -9.67
C GLN B 26 7.18 6.41 -10.10
N VAL B 27 7.56 5.15 -9.88
CA VAL B 27 6.72 3.98 -10.24
C VAL B 27 5.87 3.54 -9.05
N GLY B 28 6.22 3.92 -7.83
CA GLY B 28 5.39 3.62 -6.64
C GLY B 28 6.03 4.05 -5.35
N VAL B 29 5.61 3.42 -4.26
CA VAL B 29 5.79 3.87 -2.85
C VAL B 29 5.98 2.61 -2.02
N GLY B 30 6.69 2.67 -0.90
CA GLY B 30 6.75 1.54 0.05
C GLY B 30 7.03 1.99 1.44
N VAL B 31 7.06 1.05 2.37
CA VAL B 31 7.20 1.25 3.83
C VAL B 31 8.46 0.55 4.29
N MET B 32 9.31 1.27 5.02
CA MET B 32 10.47 0.68 5.72
C MET B 32 10.06 0.52 7.19
N GLN B 33 10.13 -0.70 7.72
CA GLN B 33 9.79 -1.02 9.12
C GLN B 33 10.62 -2.22 9.52
N GLU B 34 11.40 -2.07 10.61
N GLU B 34 11.40 -2.07 10.61
N GLU B 34 11.32 -2.10 10.67
N GLU B 34 11.32 -2.10 10.67
CA GLU B 34 12.29 -3.11 11.17
CA GLU B 34 12.29 -3.11 11.17
CA GLU B 34 12.16 -3.16 11.30
CA GLU B 34 12.16 -3.16 11.30
C GLU B 34 13.32 -3.52 10.11
C GLU B 34 13.32 -3.52 10.11
C GLU B 34 13.14 -3.75 10.27
C GLU B 34 13.14 -3.75 10.27
N GLY B 35 13.67 -2.60 9.20
N GLY B 35 13.67 -2.60 9.19
N GLY B 35 13.95 -2.90 9.64
N GLY B 35 13.95 -2.90 9.64
CA GLY B 35 14.72 -2.79 8.17
CA GLY B 35 14.72 -2.79 8.17
CA GLY B 35 15.01 -3.32 8.69
CA GLY B 35 15.01 -3.32 8.69
C GLY B 35 14.26 -3.59 6.96
C GLY B 35 14.26 -3.59 6.96
C GLY B 35 14.47 -4.04 7.47
C GLY B 35 14.47 -4.04 7.47
N VAL B 36 12.96 -3.88 6.85
N VAL B 36 12.96 -3.88 6.85
N VAL B 36 13.19 -3.87 7.14
N VAL B 36 13.19 -3.87 7.14
CA VAL B 36 12.35 -4.54 5.65
CA VAL B 36 12.35 -4.54 5.65
CA VAL B 36 12.53 -4.54 5.97
CA VAL B 36 12.53 -4.55 5.97
C VAL B 36 11.64 -3.47 4.82
C VAL B 36 11.64 -3.47 4.82
C VAL B 36 11.69 -3.52 5.19
C VAL B 36 11.69 -3.52 5.19
N PHE B 37 11.83 -3.50 3.50
N PHE B 37 11.83 -3.50 3.50
N PHE B 37 11.81 -3.57 3.86
N PHE B 37 11.81 -3.57 3.86
CA PHE B 37 11.11 -2.62 2.55
CA PHE B 37 11.11 -2.62 2.55
CA PHE B 37 11.06 -2.70 2.93
CA PHE B 37 11.06 -2.70 2.93
C PHE B 37 9.92 -3.35 1.98
C PHE B 37 9.92 -3.35 1.98
C PHE B 37 9.90 -3.49 2.32
C PHE B 37 9.90 -3.49 2.32
N HIS B 38 8.74 -2.85 2.30
CA HIS B 38 7.43 -3.43 1.89
C HIS B 38 6.84 -2.60 0.75
N THR B 39 6.52 -3.22 -0.39
CA THR B 39 5.80 -2.53 -1.48
C THR B 39 4.86 -3.52 -2.17
N MET B 40 4.23 -3.08 -3.27
CA MET B 40 3.34 -3.95 -4.06
C MET B 40 4.15 -4.57 -5.20
N TRP B 41 3.82 -5.81 -5.56
N TRP B 41 3.83 -5.81 -5.56
N TRP B 41 3.82 -5.81 -5.56
N TRP B 41 3.83 -5.81 -5.56
CA TRP B 41 4.56 -6.59 -6.59
CA TRP B 41 4.60 -6.57 -6.59
CA TRP B 41 4.56 -6.59 -6.59
CA TRP B 41 4.60 -6.57 -6.59
C TRP B 41 4.57 -5.84 -7.93
C TRP B 41 4.56 -5.85 -7.94
C TRP B 41 4.56 -5.85 -7.94
C TRP B 41 4.56 -5.86 -7.95
N HIS B 42 3.44 -5.25 -8.33
N HIS B 42 3.44 -5.25 -8.33
N HIS B 42 3.44 -5.26 -8.36
N HIS B 42 3.44 -5.26 -8.35
CA HIS B 42 3.31 -4.62 -9.69
CA HIS B 42 3.30 -4.62 -9.68
CA HIS B 42 3.32 -4.60 -9.69
CA HIS B 42 3.32 -4.60 -9.68
C HIS B 42 4.09 -3.29 -9.76
C HIS B 42 4.09 -3.29 -9.76
C HIS B 42 4.30 -3.41 -9.78
C HIS B 42 4.30 -3.41 -9.78
N VAL B 43 4.70 -2.81 -8.65
CA VAL B 43 5.61 -1.63 -8.65
C VAL B 43 7.01 -2.04 -9.13
N THR B 44 7.59 -3.09 -8.56
CA THR B 44 9.02 -3.48 -8.78
C THR B 44 9.12 -4.70 -9.71
N LYS B 45 8.03 -5.45 -9.83
CA LYS B 45 8.00 -6.81 -10.45
C LYS B 45 9.07 -7.75 -9.88
N GLY B 46 9.44 -7.57 -8.62
N GLY B 46 9.44 -7.57 -8.62
N GLY B 46 9.46 -7.58 -8.62
N GLY B 46 9.46 -7.58 -8.62
CA GLY B 46 10.42 -8.43 -7.90
CA GLY B 46 10.42 -8.43 -7.90
CA GLY B 46 10.42 -8.46 -7.92
CA GLY B 46 10.41 -8.46 -7.93
C GLY B 46 11.86 -8.10 -8.24
C GLY B 46 11.86 -8.10 -8.24
C GLY B 46 11.86 -8.03 -8.11
C GLY B 46 11.86 -8.03 -8.11
N ALA B 47 12.13 -6.94 -8.83
CA ALA B 47 13.52 -6.47 -9.11
C ALA B 47 14.25 -5.99 -7.85
N ALA B 48 15.58 -5.98 -7.90
CA ALA B 48 16.42 -5.43 -6.81
C ALA B 48 16.28 -3.93 -6.83
N LEU B 49 16.46 -3.29 -5.69
CA LEU B 49 16.37 -1.84 -5.48
C LEU B 49 17.69 -1.35 -4.94
N ARG B 50 17.96 -0.10 -5.23
CA ARG B 50 19.13 0.61 -4.68
C ARG B 50 18.60 1.60 -3.63
N SER B 51 19.36 1.75 -2.54
N SER B 51 19.36 1.75 -2.54
N SER B 51 19.41 1.79 -2.58
N SER B 51 19.41 1.79 -2.58
CA SER B 51 19.25 2.89 -1.59
CA SER B 51 19.25 2.89 -1.59
CA SER B 51 19.25 2.81 -1.51
CA SER B 51 19.25 2.81 -1.51
C SER B 51 20.66 3.47 -1.40
C SER B 51 20.66 3.47 -1.40
C SER B 51 20.59 3.56 -1.35
C SER B 51 20.59 3.56 -1.35
N GLY B 52 20.86 4.75 -1.75
N GLY B 52 20.86 4.75 -1.75
N GLY B 52 20.92 4.42 -2.32
N GLY B 52 20.92 4.42 -2.32
CA GLY B 52 22.19 5.35 -1.88
CA GLY B 52 22.19 5.35 -1.88
CA GLY B 52 22.25 5.04 -2.45
CA GLY B 52 22.25 5.04 -2.45
C GLY B 52 23.11 4.43 -2.67
C GLY B 52 23.11 4.43 -2.67
C GLY B 52 23.28 4.05 -2.95
C GLY B 52 23.28 4.05 -2.95
N GLU B 53 24.06 3.78 -1.98
N GLU B 53 24.06 3.78 -1.98
N GLU B 53 24.28 3.70 -2.13
N GLU B 53 24.28 3.70 -2.13
CA GLU B 53 24.99 2.77 -2.55
CA GLU B 53 24.99 2.77 -2.55
CA GLU B 53 25.32 2.70 -2.49
CA GLU B 53 25.32 2.70 -2.49
C GLU B 53 24.47 1.35 -2.23
C GLU B 53 24.48 1.35 -2.23
C GLU B 53 24.89 1.29 -2.05
C GLU B 53 24.89 1.29 -2.05
N GLY B 54 23.85 1.17 -1.06
N GLY B 54 23.85 1.17 -1.06
N GLY B 54 23.67 1.15 -1.52
N GLY B 54 23.67 1.15 -1.52
CA GLY B 54 23.43 -0.15 -0.52
CA GLY B 54 23.43 -0.15 -0.52
CA GLY B 54 23.12 -0.12 -1.01
CA GLY B 54 23.12 -0.12 -1.01
C GLY B 54 22.27 -0.74 -1.30
C GLY B 54 22.27 -0.74 -1.30
C GLY B 54 22.28 -0.85 -2.04
C GLY B 54 22.28 -0.85 -2.04
N ARG B 55 22.33 -2.05 -1.54
N ARG B 55 22.33 -2.05 -1.54
N ARG B 55 22.24 -2.19 -1.94
N ARG B 55 22.24 -2.19 -1.94
CA ARG B 55 21.35 -2.79 -2.39
CA ARG B 55 21.35 -2.79 -2.39
CA ARG B 55 21.46 -3.10 -2.80
CA ARG B 55 21.46 -3.10 -2.80
C ARG B 55 20.24 -3.37 -1.51
C ARG B 55 20.24 -3.37 -1.51
C ARG B 55 20.45 -3.86 -1.93
C ARG B 55 20.45 -3.86 -1.93
N LEU B 56 19.02 -3.50 -2.07
N LEU B 56 19.02 -3.50 -2.07
N LEU B 56 19.16 -3.52 -2.01
N LEU B 56 19.16 -3.52 -2.01
CA LEU B 56 17.87 -4.18 -1.43
CA LEU B 56 17.87 -4.18 -1.43
CA LEU B 56 18.06 -4.22 -1.32
CA LEU B 56 18.06 -4.22 -1.32
C LEU B 56 17.50 -5.37 -2.31
C LEU B 56 17.50 -5.37 -2.31
C LEU B 56 17.62 -5.40 -2.20
C LEU B 56 17.62 -5.40 -2.20
N ASP B 57 17.68 -6.59 -1.81
N ASP B 57 17.68 -6.59 -1.81
N ASP B 57 17.72 -6.63 -1.70
N ASP B 57 17.72 -6.63 -1.70
CA ASP B 57 17.27 -7.81 -2.54
CA ASP B 57 17.27 -7.81 -2.54
CA ASP B 57 17.30 -7.85 -2.44
CA ASP B 57 17.30 -7.85 -2.44
C ASP B 57 15.88 -8.25 -2.03
C ASP B 57 15.88 -8.25 -2.03
C ASP B 57 15.87 -8.22 -2.02
C ASP B 57 15.87 -8.22 -2.02
N PRO B 58 15.05 -8.76 -2.97
CA PRO B 58 13.74 -9.32 -2.61
C PRO B 58 13.92 -10.54 -1.69
N TYR B 59 13.01 -10.71 -0.76
CA TYR B 59 13.08 -11.80 0.24
C TYR B 59 11.85 -12.68 0.09
N TRP B 60 10.68 -12.05 -0.02
CA TRP B 60 9.38 -12.76 -0.15
C TRP B 60 8.53 -11.98 -1.13
N GLY B 61 7.69 -12.69 -1.89
N GLY B 61 7.69 -12.68 -1.89
N GLY B 61 7.80 -12.67 -2.00
N GLY B 61 7.80 -12.67 -2.00
CA GLY B 61 6.62 -12.05 -2.69
CA GLY B 61 6.62 -12.05 -2.69
CA GLY B 61 6.84 -12.03 -2.92
CA GLY B 61 6.84 -12.03 -2.91
C GLY B 61 5.56 -13.01 -3.17
C GLY B 61 5.56 -13.01 -3.17
C GLY B 61 5.78 -12.99 -3.39
C GLY B 61 5.78 -12.99 -3.39
N ASP B 62 4.47 -12.46 -3.70
N ASP B 62 4.47 -12.46 -3.70
N ASP B 62 4.59 -12.48 -3.68
N ASP B 62 4.59 -12.48 -3.68
CA ASP B 62 3.29 -13.20 -4.20
CA ASP B 62 3.29 -13.20 -4.20
CA ASP B 62 3.42 -13.26 -4.15
CA ASP B 62 3.42 -13.26 -4.15
C ASP B 62 2.56 -12.31 -5.21
C ASP B 62 2.56 -12.31 -5.21
C ASP B 62 2.56 -12.38 -5.06
C ASP B 62 2.56 -12.38 -5.06
N VAL B 63 2.46 -12.78 -6.45
N VAL B 63 2.46 -12.78 -6.45
N VAL B 63 2.51 -12.71 -6.36
N VAL B 63 2.51 -12.71 -6.36
CA VAL B 63 1.80 -12.04 -7.56
CA VAL B 63 1.80 -12.04 -7.56
CA VAL B 63 1.80 -11.93 -7.41
CA VAL B 63 1.80 -11.93 -7.41
C VAL B 63 0.29 -11.97 -7.27
C VAL B 63 0.29 -11.97 -7.27
C VAL B 63 0.32 -11.86 -7.09
C VAL B 63 0.32 -11.86 -7.09
N LYS B 64 -0.26 -12.92 -6.53
CA LYS B 64 -1.74 -12.96 -6.29
C LYS B 64 -2.11 -11.93 -5.21
N GLN B 65 -1.33 -11.90 -4.11
N GLN B 65 -1.33 -11.90 -4.11
N GLN B 65 -1.35 -11.89 -4.10
N GLN B 65 -1.35 -11.89 -4.10
CA GLN B 65 -1.48 -10.94 -2.99
CA GLN B 65 -1.48 -10.94 -2.99
CA GLN B 65 -1.52 -10.88 -3.04
CA GLN B 65 -1.52 -10.88 -3.04
C GLN B 65 -1.07 -9.53 -3.45
C GLN B 65 -1.07 -9.53 -3.45
C GLN B 65 -1.08 -9.49 -3.54
C GLN B 65 -1.08 -9.49 -3.54
N ASP B 66 -0.19 -9.45 -4.46
N ASP B 66 -0.19 -9.45 -4.46
N ASP B 66 -0.22 -9.46 -4.57
N ASP B 66 -0.22 -9.46 -4.57
CA ASP B 66 0.45 -8.22 -5.02
CA ASP B 66 0.45 -8.22 -5.02
CA ASP B 66 0.41 -8.27 -5.21
CA ASP B 66 0.41 -8.27 -5.21
C ASP B 66 1.32 -7.55 -3.97
C ASP B 66 1.32 -7.55 -3.97
C ASP B 66 1.32 -7.55 -4.22
C ASP B 66 1.32 -7.55 -4.22
N LEU B 67 2.10 -8.33 -3.22
N LEU B 67 2.10 -8.33 -3.22
N LEU B 67 2.10 -8.30 -3.43
N LEU B 67 2.10 -8.30 -3.43
CA LEU B 67 3.02 -7.86 -2.13
CA LEU B 67 3.02 -7.86 -2.13
CA LEU B 67 3.04 -7.78 -2.38
CA LEU B 67 3.04 -7.78 -2.38
C LEU B 67 4.41 -8.47 -2.31
C LEU B 67 4.41 -8.47 -2.31
C LEU B 67 4.45 -8.33 -2.60
C LEU B 67 4.45 -8.33 -2.60
N VAL B 68 5.42 -7.68 -1.95
CA VAL B 68 6.84 -8.09 -1.98
C VAL B 68 7.52 -7.40 -0.79
N SER B 69 8.41 -8.12 -0.15
CA SER B 69 9.29 -7.59 0.93
C SER B 69 10.75 -7.73 0.49
N TYR B 70 11.59 -6.83 0.99
CA TYR B 70 13.05 -6.74 0.71
C TYR B 70 13.79 -6.77 2.06
N CYS B 71 14.90 -7.54 2.12
N CYS B 71 14.90 -7.54 2.12
N CYS B 71 14.85 -7.60 2.12
N CYS B 71 14.85 -7.60 2.12
CA CYS B 71 15.86 -7.67 3.25
CA CYS B 71 15.86 -7.67 3.25
CA CYS B 71 15.87 -7.71 3.19
CA CYS B 71 15.87 -7.71 3.19
C CYS B 71 15.39 -8.70 4.27
C CYS B 71 15.39 -8.70 4.27
C CYS B 71 15.31 -8.49 4.40
C CYS B 71 15.31 -8.49 4.40
N GLY B 72 14.08 -8.98 4.32
CA GLY B 72 13.53 -9.82 5.38
C GLY B 72 12.06 -10.08 5.17
N PRO B 73 11.46 -10.88 6.07
CA PRO B 73 10.07 -11.27 5.93
C PRO B 73 9.10 -10.10 6.18
N TRP B 74 7.90 -10.20 5.66
CA TRP B 74 6.82 -9.18 5.79
C TRP B 74 6.58 -8.93 7.28
N LYS B 75 6.59 -7.67 7.70
CA LYS B 75 6.59 -7.27 9.14
C LYS B 75 5.27 -6.62 9.57
N LEU B 76 4.39 -6.19 8.65
CA LEU B 76 3.20 -5.39 8.99
C LEU B 76 2.02 -6.34 9.22
N ASP B 77 1.52 -6.34 10.47
N ASP B 77 1.52 -6.34 10.47
N ASP B 77 1.38 -6.30 10.39
N ASP B 77 1.38 -6.30 10.39
CA ASP B 77 0.53 -7.31 11.01
CA ASP B 77 0.53 -7.31 11.01
CA ASP B 77 0.27 -7.26 10.67
CA ASP B 77 0.27 -7.26 10.67
C ASP B 77 -0.80 -6.60 11.32
C ASP B 77 -0.80 -6.60 11.32
C ASP B 77 -0.88 -6.56 11.38
C ASP B 77 -0.88 -6.56 11.38
N ALA B 78 -0.75 -5.38 11.88
N ALA B 78 -0.75 -5.38 11.88
N ALA B 78 -1.11 -5.27 11.09
N ALA B 78 -1.11 -5.27 11.09
CA ALA B 78 -1.95 -4.62 12.29
CA ALA B 78 -1.95 -4.62 12.29
CA ALA B 78 -2.30 -4.53 11.57
CA ALA B 78 -2.30 -4.53 11.57
C ALA B 78 -3.01 -4.83 11.20
C ALA B 78 -3.01 -4.83 11.20
C ALA B 78 -3.44 -4.69 10.54
C ALA B 78 -3.44 -4.69 10.54
N ALA B 79 -4.25 -5.00 11.64
N ALA B 79 -4.25 -5.00 11.64
N ALA B 79 -4.67 -4.56 11.03
N ALA B 79 -4.67 -4.56 11.03
CA ALA B 79 -5.45 -5.19 10.81
CA ALA B 79 -5.45 -5.19 10.81
CA ALA B 79 -5.92 -4.81 10.28
CA ALA B 79 -5.92 -4.81 10.28
C ALA B 79 -6.48 -4.10 11.15
C ALA B 79 -6.48 -4.10 11.15
C ALA B 79 -6.89 -3.63 10.43
C ALA B 79 -6.89 -3.63 10.43
N TRP B 80 -7.23 -3.65 10.15
N TRP B 80 -7.23 -3.65 10.15
N TRP B 80 -7.54 -3.20 9.35
N TRP B 80 -7.54 -3.20 9.35
CA TRP B 80 -8.41 -2.76 10.32
CA TRP B 80 -8.41 -2.76 10.32
CA TRP B 80 -8.78 -2.39 9.42
CA TRP B 80 -8.78 -2.39 9.42
C TRP B 80 -9.36 -3.36 11.35
C TRP B 80 -9.36 -3.36 11.35
C TRP B 80 -9.74 -3.16 10.33
C TRP B 80 -9.74 -3.16 10.33
N ASP B 81 -9.99 -2.48 12.15
N ASP B 81 -9.99 -2.48 12.15
N ASP B 81 -10.27 -2.52 11.37
N ASP B 81 -10.27 -2.52 11.37
CA ASP B 81 -10.99 -2.79 13.22
CA ASP B 81 -10.99 -2.79 13.22
CA ASP B 81 -11.07 -3.23 12.40
CA ASP B 81 -11.07 -3.23 12.40
C ASP B 81 -12.29 -3.31 12.58
C ASP B 81 -12.29 -3.31 12.58
C ASP B 81 -12.54 -3.26 11.95
C ASP B 81 -12.54 -3.26 11.95
N GLY B 82 -12.67 -2.71 11.43
N GLY B 82 -12.67 -2.71 11.43
N GLY B 82 -12.85 -2.69 10.78
N GLY B 82 -12.85 -2.69 10.78
CA GLY B 82 -13.88 -3.01 10.63
CA GLY B 82 -13.88 -3.01 10.63
CA GLY B 82 -14.17 -2.72 10.15
CA GLY B 82 -14.17 -2.72 10.15
C GLY B 82 -14.98 -1.98 10.81
C GLY B 82 -14.98 -1.98 10.81
C GLY B 82 -15.08 -1.57 10.58
C GLY B 82 -15.08 -1.57 10.58
N LEU B 83 -14.63 -0.74 11.23
N LEU B 83 -14.63 -0.74 11.23
N LEU B 83 -14.67 -0.78 11.59
N LEU B 83 -14.67 -0.78 11.59
CA LEU B 83 -15.60 0.28 11.73
CA LEU B 83 -15.60 0.28 11.73
CA LEU B 83 -15.50 0.29 12.23
CA LEU B 83 -15.50 0.29 12.23
C LEU B 83 -15.13 1.72 11.46
C LEU B 83 -15.13 1.72 11.46
C LEU B 83 -14.86 1.67 12.08
C LEU B 83 -14.86 1.67 12.08
N SER B 84 -13.85 2.02 11.70
N SER B 84 -13.85 2.02 11.70
N SER B 84 -13.60 1.78 12.54
N SER B 84 -13.60 1.78 12.54
CA SER B 84 -13.33 3.39 11.93
CA SER B 84 -13.33 3.39 11.93
CA SER B 84 -12.86 3.06 12.71
CA SER B 84 -12.86 3.06 12.71
C SER B 84 -12.83 4.01 10.63
C SER B 84 -12.83 4.01 10.63
C SER B 84 -12.42 3.59 11.35
C SER B 84 -12.42 3.59 11.35
N GLU B 85 -12.68 5.33 10.62
N GLU B 85 -12.68 5.33 10.62
N GLU B 85 -12.26 4.90 11.23
N GLU B 85 -12.26 4.90 11.23
CA GLU B 85 -11.88 6.03 9.58
CA GLU B 85 -11.88 6.03 9.58
CA GLU B 85 -11.81 5.57 9.97
CA GLU B 85 -11.81 5.57 9.97
C GLU B 85 -10.42 5.44 9.70
C GLU B 85 -10.42 5.44 9.70
C GLU B 85 -10.31 5.10 9.71
C GLU B 85 -10.31 5.10 9.71
N VAL B 86 -9.74 5.62 8.51
CA VAL B 86 -8.30 5.35 8.32
C VAL B 86 -7.70 6.58 7.66
N GLN B 87 -6.39 6.67 7.82
N GLN B 87 -6.39 6.67 7.82
N GLN B 87 -6.41 6.55 7.32
N GLN B 87 -6.41 6.55 7.32
CA GLN B 87 -5.53 7.69 7.19
CA GLN B 87 -5.53 7.69 7.19
CA GLN B 87 -5.80 7.59 6.41
CA GLN B 87 -5.80 7.59 6.41
C GLN B 87 -4.65 6.95 6.19
C GLN B 87 -4.65 6.95 6.19
C GLN B 87 -4.95 6.96 5.30
C GLN B 87 -4.95 6.96 5.30
N LEU B 88 -4.94 7.17 4.91
N LEU B 88 -4.94 7.17 4.91
N LEU B 88 -5.11 7.41 4.05
N LEU B 88 -5.11 7.41 4.05
CA LEU B 88 -3.98 6.97 3.82
CA LEU B 88 -3.98 6.97 3.82
CA LEU B 88 -4.13 7.15 2.96
CA LEU B 88 -4.13 7.15 2.96
C LEU B 88 -2.89 8.02 3.95
C LEU B 88 -2.89 8.02 3.95
C LEU B 88 -3.00 8.18 3.07
C LEU B 88 -3.00 8.18 3.07
N LEU B 89 -1.65 7.61 3.68
N LEU B 89 -1.65 7.61 3.68
N LEU B 89 -1.82 7.76 3.52
N LEU B 89 -1.82 7.76 3.52
CA LEU B 89 -0.50 8.52 3.46
CA LEU B 89 -0.50 8.52 3.46
CA LEU B 89 -0.62 8.62 3.47
CA LEU B 89 -0.62 8.62 3.47
C LEU B 89 -0.17 8.49 1.97
C LEU B 89 -0.17 8.49 1.97
C LEU B 89 -0.14 8.56 2.02
C LEU B 89 -0.14 8.56 2.02
N ALA B 90 -0.85 9.31 1.16
CA ALA B 90 -0.61 9.38 -0.28
C ALA B 90 0.75 10.03 -0.47
N VAL B 91 1.62 9.39 -1.24
CA VAL B 91 2.88 9.97 -1.77
C VAL B 91 2.78 10.00 -3.30
N PRO B 92 2.16 11.05 -3.89
CA PRO B 92 1.95 11.13 -5.34
C PRO B 92 3.22 11.58 -6.04
N PRO B 93 3.43 11.25 -7.34
N PRO B 93 3.43 11.25 -7.34
N PRO B 93 3.38 11.26 -7.34
N PRO B 93 3.38 11.26 -7.34
CA PRO B 93 4.64 11.71 -8.02
CA PRO B 93 4.64 11.71 -8.02
CA PRO B 93 4.61 11.55 -8.07
CA PRO B 93 4.61 11.55 -8.07
C PRO B 93 4.75 13.25 -7.92
C PRO B 93 4.75 13.25 -7.92
C PRO B 93 4.92 13.06 -8.17
C PRO B 93 4.92 13.06 -8.17
N GLY B 94 5.97 13.75 -7.74
N GLY B 94 5.97 13.75 -7.74
N GLY B 94 6.03 13.46 -7.55
N GLY B 94 6.03 13.46 -7.55
CA GLY B 94 6.31 15.18 -7.69
CA GLY B 94 6.31 15.18 -7.69
CA GLY B 94 6.54 14.85 -7.57
CA GLY B 94 6.54 14.85 -7.57
C GLY B 94 5.75 15.90 -6.46
C GLY B 94 5.75 15.90 -6.46
C GLY B 94 5.74 15.77 -6.66
C GLY B 94 5.74 15.77 -6.66
N GLU B 95 4.82 15.29 -5.72
N GLU B 95 4.82 15.29 -5.72
N GLU B 95 5.07 15.22 -5.65
N GLU B 95 5.07 15.22 -5.65
CA GLU B 95 4.05 16.00 -4.67
CA GLU B 95 4.05 16.00 -4.67
CA GLU B 95 4.22 16.00 -4.72
CA GLU B 95 4.22 16.00 -4.72
C GLU B 95 4.51 15.54 -3.29
C GLU B 95 4.51 15.54 -3.29
C GLU B 95 4.51 15.53 -3.29
C GLU B 95 4.51 15.53 -3.29
N ARG B 96 4.35 16.42 -2.30
CA ARG B 96 4.67 16.11 -0.88
C ARG B 96 3.73 15.00 -0.37
N ALA B 97 4.21 14.13 0.51
CA ALA B 97 3.37 13.19 1.29
C ALA B 97 2.19 13.95 1.90
N LYS B 98 0.98 13.41 1.81
CA LYS B 98 -0.25 14.05 2.32
C LYS B 98 -1.15 12.96 2.89
N ASN B 99 -1.61 13.15 4.14
N ASN B 99 -1.61 13.15 4.14
N ASN B 99 -1.58 13.15 4.15
N ASN B 99 -1.58 13.15 4.15
CA ASN B 99 -2.54 12.24 4.86
CA ASN B 99 -2.54 12.24 4.86
CA ASN B 99 -2.58 12.30 4.83
CA ASN B 99 -2.58 12.30 4.83
C ASN B 99 -3.99 12.58 4.46
C ASN B 99 -3.99 12.58 4.46
C ASN B 99 -3.98 12.63 4.29
C ASN B 99 -3.98 12.63 4.29
N ILE B 100 -4.73 11.61 3.91
CA ILE B 100 -6.17 11.77 3.59
C ILE B 100 -6.98 10.80 4.44
N GLN B 101 -7.92 11.31 5.24
N GLN B 101 -7.92 11.31 5.24
N GLN B 101 -7.94 11.32 5.21
N GLN B 101 -7.94 11.32 5.21
CA GLN B 101 -8.76 10.48 6.16
CA GLN B 101 -8.76 10.48 6.16
CA GLN B 101 -8.79 10.52 6.14
CA GLN B 101 -8.79 10.52 6.14
C GLN B 101 -10.03 10.07 5.41
C GLN B 101 -10.03 10.07 5.41
C GLN B 101 -10.06 10.08 5.39
C GLN B 101 -10.06 10.08 5.39
N THR B 102 -10.45 8.80 5.56
CA THR B 102 -11.58 8.21 4.83
C THR B 102 -12.13 7.05 5.64
N LEU B 103 -13.41 6.79 5.50
CA LEU B 103 -14.07 5.54 6.00
C LEU B 103 -14.03 4.55 4.86
N PRO B 104 -13.36 3.38 5.07
N PRO B 104 -13.36 3.38 5.07
N PRO B 104 -13.25 3.44 4.95
N PRO B 104 -13.25 3.44 4.95
CA PRO B 104 -13.30 2.33 4.07
CA PRO B 104 -13.30 2.33 4.07
CA PRO B 104 -13.19 2.49 3.84
CA PRO B 104 -13.19 2.49 3.84
C PRO B 104 -14.71 1.88 3.69
C PRO B 104 -14.71 1.88 3.69
C PRO B 104 -14.56 1.79 3.70
C PRO B 104 -14.56 1.79 3.70
N GLY B 105 -14.87 1.44 2.43
CA GLY B 105 -15.96 0.52 2.06
C GLY B 105 -15.40 -0.90 2.07
N ILE B 106 -16.04 -1.81 1.33
CA ILE B 106 -15.82 -3.28 1.45
C ILE B 106 -15.78 -3.94 0.08
N PHE B 107 -14.72 -4.72 -0.15
N PHE B 107 -14.72 -4.72 -0.15
N PHE B 107 -14.74 -4.75 -0.14
N PHE B 107 -14.74 -4.75 -0.14
CA PHE B 107 -14.66 -5.76 -1.21
CA PHE B 107 -14.66 -5.76 -1.21
CA PHE B 107 -14.65 -5.73 -1.26
CA PHE B 107 -14.65 -5.73 -1.26
C PHE B 107 -15.28 -7.03 -0.62
C PHE B 107 -15.28 -7.03 -0.62
C PHE B 107 -15.17 -7.09 -0.73
C PHE B 107 -15.17 -7.09 -0.73
N LYS B 108 -16.38 -7.50 -1.21
N LYS B 108 -16.38 -7.50 -1.21
N LYS B 108 -16.40 -7.47 -1.10
N LYS B 108 -16.40 -7.47 -1.10
CA LYS B 108 -17.01 -8.82 -0.90
CA LYS B 108 -17.01 -8.82 -0.90
CA LYS B 108 -16.95 -8.82 -0.82
CA LYS B 108 -16.95 -8.82 -0.82
C LYS B 108 -16.49 -9.83 -1.92
C LYS B 108 -16.49 -9.83 -1.92
C LYS B 108 -16.45 -9.79 -1.89
C LYS B 108 -16.45 -9.79 -1.89
N THR B 109 -15.71 -10.82 -1.48
CA THR B 109 -15.20 -11.91 -2.36
C THR B 109 -15.66 -13.27 -1.81
N LYS B 110 -15.50 -14.27 -2.63
CA LYS B 110 -15.88 -15.66 -2.27
C LYS B 110 -15.06 -16.18 -1.06
N ASP B 111 -13.90 -15.58 -0.79
N ASP B 111 -13.90 -15.58 -0.79
N ASP B 111 -13.84 -15.67 -0.89
N ASP B 111 -13.84 -15.67 -0.89
CA ASP B 111 -12.98 -16.00 0.32
CA ASP B 111 -12.98 -16.00 0.32
CA ASP B 111 -12.88 -16.05 0.20
CA ASP B 111 -12.88 -16.05 0.20
C ASP B 111 -12.87 -14.89 1.37
C ASP B 111 -12.87 -14.89 1.37
C ASP B 111 -13.16 -15.21 1.44
C ASP B 111 -13.16 -15.21 1.44
N GLY B 112 -13.95 -14.15 1.62
N GLY B 112 -13.95 -14.15 1.62
N GLY B 112 -13.82 -14.06 1.30
N GLY B 112 -13.82 -14.06 1.30
CA GLY B 112 -14.04 -13.19 2.74
CA GLY B 112 -14.04 -13.19 2.74
CA GLY B 112 -14.18 -13.17 2.42
CA GLY B 112 -14.18 -13.17 2.42
C GLY B 112 -13.96 -11.74 2.29
C GLY B 112 -13.96 -11.74 2.29
C GLY B 112 -14.21 -11.71 2.02
C GLY B 112 -14.21 -11.71 2.02
N ASP B 113 -14.39 -10.83 3.17
N ASP B 113 -14.39 -10.83 3.17
N ASP B 113 -14.31 -10.83 3.03
N ASP B 113 -14.31 -10.83 3.03
CA ASP B 113 -14.48 -9.36 2.94
CA ASP B 113 -14.48 -9.36 2.94
CA ASP B 113 -14.47 -9.36 2.87
CA ASP B 113 -14.47 -9.36 2.87
C ASP B 113 -13.08 -8.72 3.08
C ASP B 113 -13.08 -8.72 3.08
C ASP B 113 -13.13 -8.66 3.14
C ASP B 113 -13.13 -8.66 3.14
N ILE B 114 -12.83 -7.62 2.34
CA ILE B 114 -11.57 -6.81 2.44
C ILE B 114 -11.99 -5.34 2.52
N GLY B 115 -11.58 -4.68 3.60
N GLY B 115 -11.58 -4.68 3.60
N GLY B 115 -11.27 -4.50 3.28
N GLY B 115 -11.27 -4.50 3.28
CA GLY B 115 -11.67 -3.21 3.74
CA GLY B 115 -11.67 -3.21 3.74
CA GLY B 115 -11.37 -3.03 3.17
CA GLY B 115 -11.37 -3.03 3.17
C GLY B 115 -11.09 -2.56 2.51
C GLY B 115 -11.09 -2.56 2.51
C GLY B 115 -11.10 -2.52 1.76
C GLY B 115 -11.10 -2.52 1.76
N ALA B 116 -11.75 -1.54 1.99
N ALA B 116 -11.75 -1.54 1.99
N ALA B 116 -11.68 -1.37 1.39
N ALA B 116 -11.69 -1.37 1.40
CA ALA B 116 -11.28 -0.82 0.79
CA ALA B 116 -11.28 -0.82 0.79
CA ALA B 116 -11.58 -0.74 0.06
CA ALA B 116 -11.58 -0.75 0.05
C ALA B 116 -11.30 0.68 1.10
C ALA B 116 -11.30 0.67 1.10
C ALA B 116 -11.57 0.78 0.20
C ALA B 116 -11.57 0.78 0.19
N VAL B 117 -10.40 1.44 0.48
N VAL B 117 -10.35 1.42 0.55
N VAL B 117 -10.74 1.52 -0.56
N VAL B 117 -10.78 1.47 -0.65
CA VAL B 117 -10.31 2.93 0.65
CA VAL B 117 -10.30 2.91 0.62
CA VAL B 117 -10.78 3.01 -0.52
CA VAL B 117 -10.60 2.96 -0.63
C VAL B 117 -10.61 3.58 -0.71
C VAL B 117 -10.74 3.44 -0.75
C VAL B 117 -10.91 3.58 -1.94
C VAL B 117 -10.91 3.54 -2.01
N ALA B 118 -11.63 4.45 -0.77
N ALA B 118 -11.62 4.45 -0.77
N ALA B 118 -11.86 4.52 -2.12
N ALA B 118 -11.84 4.51 -2.12
CA ALA B 118 -12.13 5.04 -2.02
CA ALA B 118 -12.13 5.04 -2.02
CA ALA B 118 -12.27 5.04 -3.44
CA ALA B 118 -12.28 5.05 -3.43
C ALA B 118 -11.50 6.42 -2.19
C ALA B 118 -11.50 6.43 -2.19
C ALA B 118 -11.62 6.41 -3.66
C ALA B 118 -11.63 6.42 -3.65
N LEU B 119 -10.26 6.45 -2.69
N LEU B 119 -10.26 6.45 -2.69
N LEU B 119 -10.30 6.49 -3.53
N LEU B 119 -10.30 6.49 -3.53
CA LEU B 119 -9.50 7.67 -3.07
CA LEU B 119 -9.50 7.67 -3.07
CA LEU B 119 -9.50 7.72 -3.71
CA LEU B 119 -9.50 7.72 -3.71
C LEU B 119 -8.82 7.45 -4.43
C LEU B 119 -8.82 7.45 -4.43
C LEU B 119 -8.64 7.54 -4.97
C LEU B 119 -8.64 7.54 -4.97
N ASP B 120 -8.63 8.53 -5.20
N ASP B 120 -8.63 8.53 -5.20
N ASP B 120 -8.84 8.40 -5.98
N ASP B 120 -8.84 8.40 -5.98
CA ASP B 120 -8.19 8.50 -6.62
CA ASP B 120 -8.19 8.50 -6.62
CA ASP B 120 -8.19 8.27 -7.30
CA ASP B 120 -8.20 8.27 -7.31
C ASP B 120 -6.81 9.17 -6.73
C ASP B 120 -6.81 9.17 -6.73
C ASP B 120 -6.89 9.09 -7.28
C ASP B 120 -6.89 9.09 -7.28
N TYR B 121 -5.76 8.42 -7.09
CA TYR B 121 -4.41 9.03 -7.29
C TYR B 121 -3.75 8.41 -8.51
N PRO B 122 -2.66 9.03 -9.03
CA PRO B 122 -1.95 8.49 -10.20
C PRO B 122 -1.38 7.10 -9.80
N ALA B 123 -1.12 6.25 -10.79
N ALA B 123 -1.12 6.25 -10.79
N ALA B 123 -1.13 6.24 -10.79
N ALA B 123 -1.13 6.24 -10.79
CA ALA B 123 -0.65 4.86 -10.63
CA ALA B 123 -0.65 4.86 -10.63
CA ALA B 123 -0.66 4.84 -10.59
CA ALA B 123 -0.66 4.84 -10.59
C ALA B 123 0.67 4.82 -9.83
C ALA B 123 0.67 4.82 -9.83
C ALA B 123 0.66 4.83 -9.80
C ALA B 123 0.66 4.83 -9.80
N GLY B 124 1.52 5.83 -10.01
CA GLY B 124 2.81 5.93 -9.28
C GLY B 124 2.64 6.14 -7.78
N THR B 125 1.40 6.29 -7.27
CA THR B 125 1.08 6.34 -5.80
C THR B 125 0.96 4.93 -5.15
N SER B 126 0.97 3.86 -5.97
N SER B 126 0.97 3.86 -5.97
N SER B 126 0.91 3.87 -5.99
N SER B 126 0.91 3.87 -5.99
CA SER B 126 0.78 2.44 -5.55
CA SER B 126 0.78 2.44 -5.55
CA SER B 126 0.87 2.43 -5.60
CA SER B 126 0.87 2.43 -5.60
C SER B 126 1.90 1.95 -4.60
C SER B 126 1.90 1.95 -4.60
C SER B 126 1.94 2.09 -4.53
C SER B 126 1.94 2.09 -4.53
N GLY B 127 1.44 1.51 -3.38
CA GLY B 127 2.33 1.14 -2.28
C GLY B 127 2.28 2.16 -1.17
N SER B 128 1.59 3.29 -1.33
CA SER B 128 1.37 4.22 -0.21
C SER B 128 0.65 3.50 0.91
N PRO B 129 1.05 3.68 2.18
CA PRO B 129 0.42 3.00 3.29
C PRO B 129 -0.90 3.59 3.78
N ILE B 130 -1.75 2.72 4.29
CA ILE B 130 -3.05 3.06 4.95
C ILE B 130 -2.82 2.79 6.43
N LEU B 131 -3.13 3.76 7.31
CA LEU B 131 -2.87 3.70 8.77
C LEU B 131 -4.12 3.70 9.63
N ASP B 132 -4.03 3.10 10.81
N ASP B 132 -4.03 3.10 10.81
N ASP B 132 -4.01 3.10 10.81
N ASP B 132 -4.01 3.10 10.81
CA ASP B 132 -5.06 3.22 11.88
CA ASP B 132 -5.06 3.22 11.88
CA ASP B 132 -5.01 3.22 11.91
CA ASP B 132 -5.01 3.22 11.91
C ASP B 132 -4.70 4.42 12.79
C ASP B 132 -4.70 4.42 12.79
C ASP B 132 -4.61 4.35 12.87
C ASP B 132 -4.61 4.35 12.87
N LYS B 133 -5.43 4.60 13.89
CA LYS B 133 -5.29 5.80 14.76
C LYS B 133 -4.09 5.71 15.68
N CYS B 134 -3.48 4.53 15.82
CA CYS B 134 -2.22 4.35 16.58
C CYS B 134 -0.99 4.51 15.67
N GLY B 135 -1.19 4.88 14.40
N GLY B 135 -1.19 4.88 14.40
N GLY B 135 -1.20 4.85 14.40
N GLY B 135 -1.20 4.85 14.40
CA GLY B 135 -0.12 5.01 13.40
CA GLY B 135 -0.12 5.01 13.40
CA GLY B 135 -0.12 5.02 13.39
CA GLY B 135 -0.12 5.02 13.39
C GLY B 135 0.45 3.67 12.95
C GLY B 135 0.45 3.67 12.95
C GLY B 135 0.29 3.73 12.71
C GLY B 135 0.29 3.73 12.71
N ARG B 136 -0.33 2.59 13.03
CA ARG B 136 0.09 1.25 12.52
C ARG B 136 -0.35 1.09 11.07
N VAL B 137 0.51 0.50 10.23
CA VAL B 137 0.21 0.26 8.79
C VAL B 137 -0.71 -0.96 8.72
N ILE B 138 -1.93 -0.76 8.25
CA ILE B 138 -2.97 -1.81 8.14
C ILE B 138 -3.00 -2.34 6.71
N GLY B 139 -2.26 -1.73 5.79
CA GLY B 139 -2.09 -2.27 4.42
C GLY B 139 -1.59 -1.24 3.42
N LEU B 140 -1.51 -1.62 2.16
CA LEU B 140 -0.99 -0.75 1.10
C LEU B 140 -2.08 -0.46 0.06
N TYR B 141 -2.08 0.80 -0.38
N TYR B 141 -2.08 0.80 -0.38
N TYR B 141 -1.93 0.70 -0.62
N TYR B 141 -1.93 0.70 -0.62
CA TYR B 141 -2.98 1.35 -1.41
CA TYR B 141 -2.98 1.35 -1.41
CA TYR B 141 -2.86 1.24 -1.66
CA TYR B 141 -2.86 1.24 -1.66
C TYR B 141 -2.28 1.11 -2.76
C TYR B 141 -2.28 1.11 -2.76
C TYR B 141 -2.38 0.83 -3.07
C TYR B 141 -2.38 0.83 -3.07
N GLY B 142 -3.05 0.65 -3.77
N GLY B 142 -3.05 0.65 -3.77
N GLY B 142 -3.34 0.53 -3.97
N GLY B 142 -3.34 0.53 -3.97
CA GLY B 142 -2.55 0.59 -5.16
CA GLY B 142 -2.55 0.59 -5.16
CA GLY B 142 -3.06 0.51 -5.44
CA GLY B 142 -3.07 0.51 -5.43
C GLY B 142 -2.93 -0.67 -5.93
C GLY B 142 -2.93 -0.67 -5.93
C GLY B 142 -3.53 -0.73 -6.18
C GLY B 142 -3.53 -0.73 -6.18
N ASN B 143 -3.68 -1.60 -5.30
N ASN B 143 -3.68 -1.60 -5.30
N ASN B 143 -4.17 -1.71 -5.50
N ASN B 143 -4.17 -1.71 -5.50
CA ASN B 143 -4.27 -2.76 -6.04
CA ASN B 143 -4.27 -2.76 -6.04
CA ASN B 143 -4.70 -2.90 -6.23
CA ASN B 143 -4.70 -2.90 -6.23
C ASN B 143 -5.81 -2.86 -5.77
C ASN B 143 -5.81 -2.86 -5.77
C ASN B 143 -6.20 -3.19 -5.90
C ASN B 143 -6.20 -3.19 -5.91
N GLY B 144 -6.56 -2.53 -6.93
N GLY B 144 -6.56 -2.53 -6.93
N GLY B 144 -7.04 -2.76 -6.95
N GLY B 144 -7.04 -2.76 -6.95
CA GLY B 144 -8.01 -2.23 -6.84
CA GLY B 144 -8.01 -2.23 -6.84
CA GLY B 144 -8.50 -2.86 -6.86
CA GLY B 144 -8.50 -2.86 -6.86
C GLY B 144 -8.70 -2.37 -8.17
C GLY B 144 -8.70 -2.37 -8.17
C GLY B 144 -9.15 -2.78 -8.22
C GLY B 144 -9.15 -2.78 -8.22
N VAL B 145 -9.87 -1.72 -8.35
N VAL B 145 -9.87 -1.72 -8.35
N VAL B 145 -10.12 -1.88 -8.41
N VAL B 145 -10.12 -1.88 -8.41
CA VAL B 145 -10.82 -2.00 -9.46
CA VAL B 145 -10.82 -2.00 -9.46
CA VAL B 145 -10.94 -1.80 -9.65
CA VAL B 145 -10.94 -1.80 -9.65
C VAL B 145 -11.47 -0.68 -9.94
C VAL B 145 -11.47 -0.68 -9.94
C VAL B 145 -11.30 -0.34 -9.96
C VAL B 145 -11.30 -0.34 -9.96
N VAL B 146 -11.78 -0.58 -11.23
N VAL B 146 -11.78 -0.58 -11.23
N VAL B 146 -11.52 -0.03 -11.24
N VAL B 146 -11.52 -0.03 -11.24
CA VAL B 146 -12.47 0.58 -11.87
CA VAL B 146 -12.47 0.58 -11.87
CA VAL B 146 -12.13 1.23 -11.73
CA VAL B 146 -12.13 1.23 -11.73
C VAL B 146 -13.98 0.34 -11.76
C VAL B 146 -13.98 0.34 -11.76
C VAL B 146 -13.63 1.00 -11.87
C VAL B 146 -13.63 1.00 -11.87
N ILE B 147 -14.77 1.39 -11.44
N ILE B 147 -14.77 1.39 -11.44
N ILE B 147 -14.45 1.84 -11.24
N ILE B 147 -14.45 1.84 -11.24
CA ILE B 147 -16.22 1.26 -11.15
CA ILE B 147 -16.22 1.26 -11.15
CA ILE B 147 -15.95 1.72 -11.23
CA ILE B 147 -15.95 1.72 -11.23
C ILE B 147 -17.02 2.04 -12.22
C ILE B 147 -17.02 2.04 -12.22
C ILE B 147 -16.51 2.65 -12.32
C ILE B 147 -16.51 2.65 -12.32
N LYS B 148 -18.35 2.02 -12.11
N LYS B 148 -18.35 2.02 -12.11
N LYS B 148 -17.79 2.49 -12.66
N LYS B 148 -17.79 2.49 -12.66
CA LYS B 148 -19.30 2.63 -13.07
CA LYS B 148 -19.30 2.63 -13.07
CA LYS B 148 -18.53 3.35 -13.65
CA LYS B 148 -18.53 3.35 -13.65
C LYS B 148 -19.02 4.14 -13.25
C LYS B 148 -19.02 4.14 -13.25
C LYS B 148 -18.07 4.81 -13.51
C LYS B 148 -18.07 4.81 -13.51
N ASN B 149 -18.60 4.81 -12.17
N ASN B 149 -18.60 4.81 -12.17
N ASN B 149 -18.00 5.30 -12.25
N ASN B 149 -18.00 5.30 -12.25
CA ASN B 149 -18.32 6.27 -12.15
CA ASN B 149 -18.32 6.27 -12.15
CA ASN B 149 -17.73 6.72 -11.87
CA ASN B 149 -17.73 6.72 -11.87
C ASN B 149 -16.97 6.56 -12.84
C ASN B 149 -16.97 6.56 -12.84
C ASN B 149 -16.35 7.17 -12.38
C ASN B 149 -16.35 7.17 -12.38
N GLY B 150 -16.25 5.50 -13.26
N GLY B 150 -16.25 5.50 -13.26
N GLY B 150 -15.49 6.24 -12.82
N GLY B 150 -15.49 6.24 -12.82
CA GLY B 150 -14.89 5.59 -13.82
CA GLY B 150 -14.90 5.59 -13.83
CA GLY B 150 -14.16 6.52 -13.40
CA GLY B 150 -14.16 6.52 -13.40
C GLY B 150 -13.84 5.67 -12.73
C GLY B 150 -13.83 5.68 -12.75
C GLY B 150 -13.07 6.50 -12.34
C GLY B 150 -13.08 6.49 -12.35
N SER B 151 -14.28 5.80 -11.47
N SER B 151 -14.25 5.82 -11.49
N SER B 151 -13.43 6.80 -11.09
N SER B 151 -13.45 6.80 -11.10
CA SER B 151 -13.44 6.09 -10.27
CA SER B 151 -13.40 6.11 -10.29
CA SER B 151 -12.56 6.68 -9.90
CA SER B 151 -12.61 6.65 -9.88
C SER B 151 -12.69 4.83 -9.83
C SER B 151 -12.62 4.86 -9.88
C SER B 151 -12.21 5.21 -9.67
C SER B 151 -12.22 5.18 -9.70
N TYR B 152 -11.87 4.98 -8.78
N TYR B 152 -11.86 4.97 -8.78
N TYR B 152 -10.90 4.91 -9.60
N TYR B 152 -10.91 4.92 -9.59
CA TYR B 152 -10.91 3.96 -8.24
CA TYR B 152 -10.91 3.96 -8.24
CA TYR B 152 -10.33 3.64 -9.09
CA TYR B 152 -10.33 3.65 -9.09
C TYR B 152 -11.25 3.66 -6.78
C TYR B 152 -11.25 3.66 -6.78
C TYR B 152 -10.77 3.45 -7.63
C TYR B 152 -10.77 3.45 -7.63
N VAL B 153 -11.33 2.36 -6.45
N VAL B 153 -11.33 2.36 -6.45
N VAL B 153 -11.16 2.23 -7.30
N VAL B 153 -11.16 2.23 -7.30
CA VAL B 153 -11.44 1.87 -5.04
CA VAL B 153 -11.44 1.87 -5.04
CA VAL B 153 -11.32 1.74 -5.90
CA VAL B 153 -11.32 1.73 -5.91
C VAL B 153 -10.32 0.85 -4.81
C VAL B 153 -10.32 0.85 -4.81
C VAL B 153 -10.20 0.72 -5.65
C VAL B 153 -10.20 0.72 -5.65
N SER B 154 -9.38 1.18 -3.92
N SER B 154 -9.38 1.18 -3.92
N SER B 154 -9.29 1.03 -4.71
N SER B 154 -9.29 1.03 -4.71
CA SER B 154 -8.23 0.29 -3.59
CA SER B 154 -8.23 0.29 -3.59
CA SER B 154 -8.19 0.15 -4.27
CA SER B 154 -8.19 0.15 -4.27
C SER B 154 -8.71 -0.74 -2.56
C SER B 154 -8.71 -0.74 -2.56
C SER B 154 -8.61 -0.66 -3.03
C SER B 154 -8.61 -0.66 -3.03
N ALA B 155 -8.51 -2.03 -2.84
N ALA B 155 -8.51 -2.03 -2.84
N ALA B 155 -8.05 -1.86 -2.86
N ALA B 155 -8.05 -1.85 -2.85
CA ALA B 155 -8.35 -3.02 -1.77
CA ALA B 155 -8.35 -3.02 -1.77
CA ALA B 155 -8.16 -2.59 -1.57
CA ALA B 155 -8.16 -2.59 -1.57
C ALA B 155 -7.33 -2.32 -0.80
C ALA B 155 -7.33 -2.32 -0.80
C ALA B 155 -7.32 -1.84 -0.47
C ALA B 155 -7.32 -1.84 -0.47
N ILE B 156 -7.66 -2.51 0.52
N ILE B 156 -7.66 -2.51 0.52
N ILE B 156 -7.53 -2.43 0.79
N ILE B 156 -7.52 -2.44 0.79
CA ILE B 156 -6.64 -2.43 1.61
CA ILE B 156 -6.64 -2.43 1.61
CA ILE B 156 -6.51 -2.40 1.89
CA ILE B 156 -6.51 -2.40 1.89
C ILE B 156 -5.88 -3.77 1.62
C ILE B 156 -5.88 -3.77 1.62
C ILE B 156 -5.75 -3.73 1.84
C ILE B 156 -5.75 -3.73 1.84
N THR B 157 -4.66 -3.78 1.06
CA THR B 157 -3.87 -5.06 0.88
C THR B 157 -2.86 -5.21 2.02
N GLN B 158 -3.05 -6.25 2.84
N GLN B 158 -3.05 -6.25 2.84
N GLN B 158 -3.00 -6.26 2.87
N GLN B 158 -3.00 -6.26 2.87
CA GLN B 158 -2.10 -6.61 3.92
CA GLN B 158 -2.10 -6.61 3.92
CA GLN B 158 -2.13 -6.49 4.07
CA GLN B 158 -2.13 -6.49 4.07
C GLN B 158 -1.52 -8.00 3.61
C GLN B 158 -1.52 -8.00 3.61
C GLN B 158 -1.55 -7.91 4.06
C GLN B 158 -1.55 -7.91 4.06
N GLY B 159 -0.28 -8.24 4.03
N GLY B 159 -0.29 -8.23 4.03
N GLY B 159 -0.29 -8.06 4.49
N GLY B 159 -0.29 -8.06 4.48
CA GLY B 159 0.36 -9.57 4.02
CA GLY B 159 0.36 -9.57 4.02
CA GLY B 159 0.46 -9.33 4.48
CA GLY B 159 0.46 -9.33 4.48
C GLY B 159 -0.02 -10.35 5.27
C GLY B 159 -0.02 -10.35 5.27
C GLY B 159 0.37 -10.07 5.81
C GLY B 159 0.37 -10.07 5.81
N LYS B 160 0.89 -11.21 5.71
N LYS B 160 0.89 -11.21 5.71
N LYS B 160 0.71 -11.37 5.79
N LYS B 160 0.71 -11.37 5.79
CA LYS B 160 0.84 -11.94 7.00
CA LYS B 160 0.84 -11.94 7.00
CA LYS B 160 0.80 -12.26 6.98
CA LYS B 160 0.80 -12.26 6.98
C LYS B 160 2.25 -11.87 7.61
C LYS B 160 2.25 -11.87 7.61
C LYS B 160 2.25 -12.23 7.50
C LYS B 160 2.25 -12.23 7.50
N ARG B 161 2.36 -11.87 8.95
N ARG B 161 2.36 -11.87 8.95
N ARG B 161 2.44 -11.90 8.78
N ARG B 161 2.44 -11.90 8.78
CA ARG B 161 3.65 -11.88 9.70
CA ARG B 161 3.65 -11.88 9.70
CA ARG B 161 3.75 -11.94 9.49
CA ARG B 161 3.75 -11.94 9.49
C ARG B 161 3.79 -13.23 10.41
C ARG B 161 3.79 -13.23 10.41
C ARG B 161 4.01 -13.38 9.95
C ARG B 161 4.01 -13.38 9.95
N GLU B 162 4.60 -14.14 9.86
N GLU B 162 4.60 -14.14 9.86
N GLU B 162 5.23 -13.88 9.77
N GLU B 162 5.23 -13.88 9.77
CA GLU B 162 5.00 -15.43 10.53
CA GLU B 162 5.00 -15.43 10.53
CA GLU B 162 5.65 -15.27 10.12
CA GLU B 162 5.65 -15.27 10.12
C GLU B 162 5.67 -15.12 11.87
C GLU B 162 5.67 -15.12 11.87
C GLU B 162 6.48 -15.23 11.43
C GLU B 162 6.48 -15.23 11.43
S DMS C . -3.85 3.79 -9.95
S DMS C . -3.85 3.79 -9.95
O DMS C . -5.24 3.96 -10.50
O DMS C . -5.24 3.96 -10.50
C1 DMS C . -3.50 2.04 -10.04
C1 DMS C . -3.50 2.04 -10.04
C2 DMS C . -3.98 3.92 -8.19
C2 DMS C . -3.98 3.92 -8.19
S DMS D . 13.01 -9.37 -12.45
O DMS D . 12.31 -9.94 -11.26
C1 DMS D . 14.29 -8.32 -11.84
C2 DMS D . 11.96 -8.10 -13.14
S DMS E . -5.37 -1.30 -10.74
S DMS E . -5.37 -1.30 -10.74
O DMS E . -5.61 -1.52 -9.26
O DMS E . -5.61 -1.52 -9.26
C1 DMS E . -4.18 -2.50 -11.24
C1 DMS E . -4.18 -2.50 -11.24
C2 DMS E . -6.78 -1.97 -11.58
C2 DMS E . -6.78 -1.97 -11.58
N1 A1BG0 F . -2.99 -0.32 -10.09
N1 A1BG0 F . -2.99 -0.32 -10.09
N3 A1BG0 F . -1.54 -3.09 -11.80
N3 A1BG0 F . -1.54 -3.09 -11.80
C4 A1BG0 F . -4.52 3.23 -11.98
C4 A1BG0 F . -4.52 3.23 -11.98
C5 A1BG0 F . -4.09 3.16 -10.55
C5 A1BG0 F . -4.09 3.16 -10.55
C6 A1BG0 F . -4.42 4.23 -9.72
C6 A1BG0 F . -4.42 4.23 -9.72
C7 A1BG0 F . -4.07 4.26 -8.40
C7 A1BG0 F . -4.07 4.26 -8.40
C8 A1BG0 F . -3.34 3.23 -7.85
C8 A1BG0 F . -3.34 3.23 -7.85
C10 A1BG0 F . -3.34 2.10 -10.00
C10 A1BG0 F . -3.34 2.10 -10.00
C13 A1BG0 F . -2.57 -2.78 -9.95
C13 A1BG0 F . -2.57 -2.78 -9.95
C15 A1BG0 F . -1.81 -1.78 -11.77
C15 A1BG0 F . -1.81 -1.78 -11.77
C17 A1BG0 F . -4.68 4.41 -14.05
C17 A1BG0 F . -4.68 4.41 -14.05
C1 A1BG0 F . -6.64 1.37 -15.87
C1 A1BG0 F . -6.64 1.37 -15.87
O1 A1BG0 F . -6.30 1.30 -14.47
O1 A1BG0 F . -6.30 1.30 -14.47
C2 A1BG0 F . -5.62 2.33 -13.91
C2 A1BG0 F . -5.62 2.33 -13.91
C3 A1BG0 F . -5.24 2.20 -12.59
C3 A1BG0 F . -5.24 2.20 -12.59
C9 A1BG0 F . -2.98 2.15 -8.64
C9 A1BG0 F . -2.98 2.15 -8.64
C11 A1BG0 F . -2.88 0.87 -10.74
C11 A1BG0 F . -2.88 0.87 -10.74
O2 A1BG0 F . -2.42 0.94 -11.86
O2 A1BG0 F . -2.42 0.94 -11.86
C12 A1BG0 F . -2.49 -1.53 -10.58
C12 A1BG0 F . -2.49 -1.53 -10.58
N2 A1BG0 F . -2.01 -3.73 -10.68
N2 A1BG0 F . -2.01 -3.73 -10.68
C14 A1BG0 F . -0.84 -3.86 -12.83
C14 A1BG0 F . -0.84 -3.86 -12.83
C16 A1BG0 F . -4.25 4.35 -12.74
C16 A1BG0 F . -4.25 4.35 -12.74
N4 A1BG0 F . -5.36 3.40 -14.64
N4 A1BG0 F . -5.36 3.40 -14.64
#